data_3KRB
#
_entry.id   3KRB
#
_cell.length_a   196.770
_cell.length_b   66.090
_cell.length_c   56.290
_cell.angle_alpha   90.00
_cell.angle_beta   92.26
_cell.angle_gamma   90.00
#
_symmetry.space_group_name_H-M   'C 1 2 1'
#
loop_
_entity.id
_entity.type
_entity.pdbx_description
1 polymer 'Aldose reductase'
2 non-polymer 'NADP NICOTINAMIDE-ADENINE-DINUCLEOTIDE PHOSPHATE'
3 non-polymer 'UNKNOWN ATOM OR ION'
4 non-polymer 1,2-ETHANEDIOL
5 water water
#
_entity_poly.entity_id   1
_entity_poly.type   'polypeptide(L)'
_entity_poly.pdbx_seq_one_letter_code
;MAHHHHHHMGTLEAQTQGPGSMQYPPRLGFGTWQAPPEAVQTAVETALMTGYRHIDCAYVYQNEEAIGRAFGKIFKDASS
GIKREDVWITSKLWNYNHRPELVREQCKKTMSDLQVDYLDLFLVHWPLAFVRNDVGDLFPKDAEGRAMLEKVPLADTWRA
MEQLVEEGLVKHIGVSNYTVPLLADLLNYAKIKPLVNQIEIHPWHPNDATVKFCLDNGIGVTAYSPMGGSYADPRDPSGT
QKNVILECKTLKAIADAKGTSPHCVALAWHVKKWNTSMYSVIPKSQTPARIEANFKCTEVQLSDDDMDAINNIHLNKRIR
FCDPAIFWKVPLFD
;
_entity_poly.pdbx_strand_id   A,B
#
# COMPACT_ATOMS: atom_id res chain seq x y z
N SER A 21 9.58 -26.29 -17.00
CA SER A 21 8.36 -26.83 -17.73
C SER A 21 7.40 -25.81 -18.46
N MET A 22 7.25 -24.57 -17.96
CA MET A 22 6.57 -23.49 -18.73
C MET A 22 7.66 -22.82 -19.55
N GLN A 23 7.41 -22.60 -20.84
CA GLN A 23 8.36 -21.89 -21.72
C GLN A 23 8.06 -20.40 -21.76
N TYR A 24 6.76 -20.06 -21.75
CA TYR A 24 6.25 -18.67 -21.80
C TYR A 24 5.24 -18.44 -20.69
N PRO A 25 4.94 -17.18 -20.36
CA PRO A 25 3.95 -16.94 -19.34
C PRO A 25 2.62 -17.59 -19.74
N PRO A 26 1.94 -18.20 -18.79
CA PRO A 26 0.57 -18.66 -19.08
C PRO A 26 -0.31 -17.59 -19.69
N ARG A 27 -1.12 -17.99 -20.67
CA ARG A 27 -1.93 -17.02 -21.42
C ARG A 27 -2.75 -16.07 -20.54
N LEU A 28 -3.41 -16.59 -19.51
CA LEU A 28 -4.23 -15.75 -18.63
C LEU A 28 -3.51 -15.48 -17.32
N GLY A 29 -3.03 -14.24 -17.17
CA GLY A 29 -2.32 -13.81 -15.98
C GLY A 29 -3.12 -12.82 -15.17
N PHE A 30 -2.45 -12.28 -14.16
CA PHE A 30 -3.11 -11.51 -13.13
C PHE A 30 -2.19 -10.37 -12.67
N GLY A 31 -2.69 -9.15 -12.81
CA GLY A 31 -1.97 -7.95 -12.50
C GLY A 31 -2.13 -7.43 -11.09
N THR A 32 -1.15 -6.65 -10.65
CA THR A 32 -1.11 -6.13 -9.30
C THR A 32 -0.82 -4.62 -9.15
N TRP A 33 -0.77 -3.88 -10.25
CA TRP A 33 -0.54 -2.42 -10.17
C TRP A 33 -1.72 -1.77 -9.53
N GLN A 34 -1.42 -0.88 -8.59
CA GLN A 34 -2.36 -0.02 -7.91
C GLN A 34 -3.19 -0.71 -6.82
N ALA A 35 -2.93 -1.99 -6.56
CA ALA A 35 -3.58 -2.72 -5.51
C ALA A 35 -2.79 -2.39 -4.24
N PRO A 36 -3.43 -1.73 -3.27
CA PRO A 36 -2.68 -1.43 -2.03
C PRO A 36 -2.30 -2.70 -1.27
N PRO A 37 -1.26 -2.65 -0.43
CA PRO A 37 -0.84 -3.81 0.38
C PRO A 37 -2.02 -4.50 1.09
N GLU A 38 -2.94 -3.70 1.66
CA GLU A 38 -4.07 -4.24 2.41
C GLU A 38 -5.08 -5.01 1.56
N ALA A 39 -5.06 -4.83 0.25
CA ALA A 39 -5.97 -5.56 -0.64
C ALA A 39 -5.28 -6.62 -1.44
N VAL A 40 -4.00 -6.42 -1.74
CA VAL A 40 -3.33 -7.27 -2.74
C VAL A 40 -3.06 -8.69 -2.23
N GLN A 41 -2.86 -8.87 -0.93
CA GLN A 41 -2.60 -10.21 -0.42
C GLN A 41 -3.85 -11.07 -0.66
N THR A 42 -5.01 -10.63 -0.23
CA THR A 42 -6.26 -11.33 -0.51
C THR A 42 -6.49 -11.49 -2.02
N ALA A 43 -6.14 -10.47 -2.81
CA ALA A 43 -6.36 -10.55 -4.26
C ALA A 43 -5.55 -11.68 -4.86
N VAL A 44 -4.26 -11.76 -4.52
CA VAL A 44 -3.40 -12.78 -5.10
C VAL A 44 -3.81 -14.19 -4.60
N GLU A 45 -4.11 -14.30 -3.32
CA GLU A 45 -4.67 -15.55 -2.77
C GLU A 45 -5.89 -16.00 -3.59
N THR A 46 -6.82 -15.09 -3.83
CA THR A 46 -8.04 -15.39 -4.56
C THR A 46 -7.70 -15.80 -6.00
N ALA A 47 -6.79 -15.06 -6.65
CA ALA A 47 -6.38 -15.41 -8.02
C ALA A 47 -5.83 -16.81 -8.08
N LEU A 48 -4.90 -17.10 -7.17
CA LEU A 48 -4.29 -18.44 -7.16
C LEU A 48 -5.34 -19.55 -6.91
N MET A 49 -6.23 -19.35 -5.95
CA MET A 49 -7.21 -20.39 -5.62
C MET A 49 -8.25 -20.56 -6.74
N THR A 50 -8.52 -19.48 -7.47
CA THR A 50 -9.40 -19.48 -8.65
C THR A 50 -8.83 -20.26 -9.82
N GLY A 51 -7.49 -20.24 -9.94
CA GLY A 51 -6.79 -20.95 -11.00
C GLY A 51 -5.80 -20.18 -11.85
N TYR A 52 -5.61 -18.89 -11.61
CA TYR A 52 -4.58 -18.16 -12.33
C TYR A 52 -3.20 -18.72 -11.95
N ARG A 53 -2.34 -18.85 -12.95
CA ARG A 53 -0.98 -19.41 -12.74
C ARG A 53 0.10 -18.49 -13.29
N HIS A 54 -0.20 -17.21 -13.37
CA HIS A 54 0.72 -16.19 -13.91
C HIS A 54 0.38 -14.93 -13.13
N ILE A 55 1.34 -14.48 -12.32
CA ILE A 55 1.15 -13.28 -11.50
C ILE A 55 2.19 -12.22 -11.93
N ASP A 56 1.70 -11.04 -12.27
CA ASP A 56 2.56 -9.95 -12.73
C ASP A 56 2.77 -8.97 -11.56
N CYS A 57 4.02 -8.78 -11.16
CA CYS A 57 4.40 -7.95 -10.04
C CYS A 57 5.36 -6.86 -10.48
N ALA A 58 5.61 -5.92 -9.59
CA ALA A 58 6.76 -5.01 -9.75
C ALA A 58 7.17 -4.34 -8.44
N TYR A 59 8.46 -4.11 -8.32
CA TYR A 59 9.03 -3.37 -7.17
C TYR A 59 8.31 -2.02 -6.95
N VAL A 60 8.12 -1.28 -8.04
CA VAL A 60 7.56 0.06 -7.97
C VAL A 60 6.07 0.09 -7.55
N TYR A 61 5.40 -1.07 -7.55
CA TYR A 61 3.99 -1.12 -7.14
C TYR A 61 3.82 -1.03 -5.59
N GLN A 62 4.94 -1.13 -4.88
CA GLN A 62 5.07 -0.89 -3.43
C GLN A 62 4.21 -1.84 -2.64
N ASN A 63 4.04 -3.05 -3.18
CA ASN A 63 3.19 -4.08 -2.55
C ASN A 63 3.75 -5.50 -2.63
N GLU A 64 5.04 -5.66 -2.98
CA GLU A 64 5.59 -7.01 -3.19
C GLU A 64 5.64 -7.79 -1.88
N GLU A 65 5.86 -7.13 -0.73
CA GLU A 65 5.88 -7.90 0.54
CA GLU A 65 5.89 -7.88 0.52
C GLU A 65 4.51 -8.52 0.82
N ALA A 66 3.45 -7.80 0.51
CA ALA A 66 2.11 -8.32 0.77
C ALA A 66 1.81 -9.50 -0.16
N ILE A 67 2.21 -9.36 -1.42
CA ILE A 67 2.14 -10.45 -2.38
C ILE A 67 2.94 -11.67 -1.89
N GLY A 68 4.14 -11.45 -1.38
CA GLY A 68 4.95 -12.54 -0.87
C GLY A 68 4.26 -13.33 0.24
N ARG A 69 3.46 -12.65 1.08
CA ARG A 69 2.73 -13.34 2.13
C ARG A 69 1.68 -14.30 1.57
N ALA A 70 1.06 -13.90 0.44
CA ALA A 70 0.14 -14.77 -0.27
C ALA A 70 0.89 -15.98 -0.84
N PHE A 71 2.03 -15.73 -1.50
CA PHE A 71 2.82 -16.84 -2.06
C PHE A 71 3.28 -17.79 -0.95
N GLY A 72 3.79 -17.24 0.14
CA GLY A 72 4.27 -18.09 1.24
C GLY A 72 3.14 -18.95 1.81
N LYS A 73 1.99 -18.34 2.07
CA LYS A 73 0.82 -19.03 2.65
C LYS A 73 0.44 -20.23 1.75
N ILE A 74 0.38 -19.99 0.45
CA ILE A 74 -0.14 -20.98 -0.50
C ILE A 74 0.90 -22.03 -0.84
N PHE A 75 2.12 -21.61 -1.14
CA PHE A 75 3.17 -22.55 -1.56
C PHE A 75 3.72 -23.41 -0.41
N LYS A 76 3.63 -22.91 0.81
CA LYS A 76 4.17 -23.63 1.97
C LYS A 76 3.12 -24.63 2.50
N ASP A 77 1.85 -24.41 2.15
CA ASP A 77 0.75 -25.28 2.54
C ASP A 77 0.48 -26.44 1.54
N ALA A 78 0.88 -27.65 1.90
CA ALA A 78 0.68 -28.83 1.04
C ALA A 78 -0.79 -29.12 0.71
N SER A 79 -1.71 -28.53 1.46
CA SER A 79 -3.17 -28.61 1.24
C SER A 79 -3.83 -27.69 0.16
N SER A 80 -3.16 -26.62 -0.26
CA SER A 80 -3.74 -25.68 -1.22
C SER A 80 -3.84 -26.30 -2.61
N GLY A 81 -2.99 -27.29 -2.87
CA GLY A 81 -2.91 -27.92 -4.19
C GLY A 81 -2.11 -27.11 -5.20
N ILE A 82 -1.37 -26.10 -4.72
CA ILE A 82 -0.62 -25.21 -5.61
C ILE A 82 0.80 -25.11 -5.07
N LYS A 83 1.76 -25.50 -5.88
CA LYS A 83 3.15 -25.38 -5.55
C LYS A 83 3.79 -24.26 -6.36
N ARG A 84 4.93 -23.80 -5.87
CA ARG A 84 5.72 -22.75 -6.53
C ARG A 84 5.93 -23.01 -8.01
N GLU A 85 6.23 -24.26 -8.36
CA GLU A 85 6.55 -24.57 -9.73
C GLU A 85 5.34 -24.62 -10.68
N ASP A 86 4.13 -24.51 -10.15
CA ASP A 86 2.91 -24.41 -10.95
C ASP A 86 2.63 -22.97 -11.38
N VAL A 87 3.35 -22.02 -10.80
CA VAL A 87 3.05 -20.60 -11.02
C VAL A 87 4.20 -19.88 -11.72
N TRP A 88 3.85 -19.05 -12.69
CA TRP A 88 4.80 -18.14 -13.35
C TRP A 88 4.76 -16.79 -12.62
N ILE A 89 5.88 -16.39 -12.01
CA ILE A 89 5.98 -15.12 -11.29
C ILE A 89 6.92 -14.16 -12.04
N THR A 90 6.41 -12.98 -12.35
CA THR A 90 7.17 -11.93 -13.04
C THR A 90 7.34 -10.77 -12.09
N SER A 91 8.51 -10.17 -12.08
CA SER A 91 8.67 -8.83 -11.55
C SER A 91 9.56 -7.99 -12.47
N LYS A 92 9.88 -6.77 -12.03
CA LYS A 92 10.44 -5.75 -12.89
C LYS A 92 11.44 -4.87 -12.18
N LEU A 93 12.52 -4.61 -12.89
CA LEU A 93 13.60 -3.74 -12.48
C LEU A 93 13.11 -2.29 -12.65
N TRP A 94 13.12 -1.53 -11.56
CA TRP A 94 12.62 -0.15 -11.61
C TRP A 94 13.61 0.77 -12.29
N ASN A 95 13.11 1.90 -12.81
CA ASN A 95 13.86 2.84 -13.63
C ASN A 95 15.08 3.41 -12.90
N TYR A 96 15.00 3.58 -11.58
CA TYR A 96 16.16 4.11 -10.83
C TYR A 96 17.26 3.11 -10.50
N ASN A 97 17.07 1.87 -10.95
CA ASN A 97 18.03 0.80 -10.77
C ASN A 97 18.67 0.31 -12.08
N HIS A 98 18.80 1.21 -13.05
CA HIS A 98 19.38 0.84 -14.32
C HIS A 98 20.91 0.76 -14.24
N ARG A 99 21.56 1.42 -13.30
CA ARG A 99 23.02 1.30 -13.19
C ARG A 99 23.31 -0.16 -12.93
N PRO A 100 24.30 -0.76 -13.63
CA PRO A 100 24.45 -2.22 -13.54
C PRO A 100 24.58 -2.76 -12.10
N GLU A 101 25.34 -2.06 -11.26
CA GLU A 101 25.52 -2.50 -9.85
C GLU A 101 24.26 -2.54 -8.98
N LEU A 102 23.16 -2.00 -9.51
CA LEU A 102 21.91 -1.94 -8.75
C LEU A 102 20.94 -3.02 -9.14
N VAL A 103 21.22 -3.76 -10.21
CA VAL A 103 20.28 -4.67 -10.84
C VAL A 103 20.15 -5.94 -9.96
N ARG A 104 21.27 -6.59 -9.63
CA ARG A 104 21.21 -7.78 -8.80
C ARG A 104 20.63 -7.47 -7.42
N GLU A 105 21.01 -6.35 -6.84
CA GLU A 105 20.52 -5.94 -5.50
C GLU A 105 18.99 -5.83 -5.49
N GLN A 106 18.45 -5.20 -6.53
CA GLN A 106 16.98 -5.10 -6.60
C GLN A 106 16.33 -6.44 -6.86
N CYS A 107 16.91 -7.26 -7.74
CA CYS A 107 16.39 -8.58 -7.99
C CYS A 107 16.28 -9.35 -6.68
N LYS A 108 17.34 -9.35 -5.87
CA LYS A 108 17.33 -10.08 -4.60
C LYS A 108 16.32 -9.50 -3.61
N LYS A 109 16.20 -8.17 -3.57
CA LYS A 109 15.23 -7.51 -2.66
C LYS A 109 13.78 -7.88 -3.03
N THR A 110 13.50 -7.80 -4.34
CA THR A 110 12.20 -8.19 -4.86
C THR A 110 11.89 -9.65 -4.50
N MET A 111 12.85 -10.56 -4.74
CA MET A 111 12.63 -11.97 -4.40
C MET A 111 12.43 -12.18 -2.94
N SER A 112 13.22 -11.50 -2.10
CA SER A 112 13.02 -11.59 -0.65
C SER A 112 11.59 -11.18 -0.29
N ASP A 113 11.13 -10.02 -0.80
CA ASP A 113 9.76 -9.53 -0.51
C ASP A 113 8.70 -10.54 -0.99
N LEU A 114 8.89 -11.06 -2.20
CA LEU A 114 7.95 -12.01 -2.78
C LEU A 114 8.05 -13.45 -2.18
N GLN A 115 8.96 -13.69 -1.25
CA GLN A 115 9.14 -15.02 -0.65
C GLN A 115 9.38 -16.11 -1.71
N VAL A 116 10.22 -15.77 -2.69
CA VAL A 116 10.64 -16.73 -3.71
C VAL A 116 12.18 -16.84 -3.78
N ASP A 117 12.65 -18.00 -4.25
CA ASP A 117 14.06 -18.24 -4.46
C ASP A 117 14.53 -17.96 -5.90
N TYR A 118 13.57 -17.88 -6.82
CA TYR A 118 13.80 -17.53 -8.21
C TYR A 118 12.58 -16.83 -8.77
N LEU A 119 12.79 -15.96 -9.75
CA LEU A 119 11.69 -15.45 -10.56
C LEU A 119 11.66 -16.22 -11.90
N ASP A 120 10.46 -16.44 -12.43
CA ASP A 120 10.32 -16.95 -13.78
C ASP A 120 10.77 -15.90 -14.78
N LEU A 121 10.49 -14.64 -14.48
CA LEU A 121 10.73 -13.58 -15.45
C LEU A 121 11.04 -12.29 -14.73
N PHE A 122 12.10 -11.60 -15.17
CA PHE A 122 12.43 -10.29 -14.62
C PHE A 122 12.57 -9.34 -15.81
N LEU A 123 11.79 -8.27 -15.80
CA LEU A 123 11.72 -7.29 -16.90
C LEU A 123 12.40 -5.97 -16.60
N VAL A 124 13.01 -5.40 -17.63
CA VAL A 124 13.35 -3.97 -17.59
C VAL A 124 12.03 -3.18 -17.71
N HIS A 125 11.61 -2.52 -16.64
CA HIS A 125 10.24 -1.95 -16.59
C HIS A 125 9.98 -0.88 -17.67
N TRP A 126 10.98 -0.02 -17.88
CA TRP A 126 10.93 1.03 -18.90
C TRP A 126 12.33 1.20 -19.43
N PRO A 127 12.46 1.62 -20.71
CA PRO A 127 13.79 1.98 -21.24
C PRO A 127 14.24 3.39 -20.79
N LEU A 128 13.97 3.75 -19.55
CA LEU A 128 14.28 5.06 -19.01
C LEU A 128 15.09 4.84 -17.73
N ALA A 129 16.25 5.47 -17.66
CA ALA A 129 17.13 5.40 -16.48
C ALA A 129 16.86 6.63 -15.61
N PHE A 130 16.22 6.42 -14.46
CA PHE A 130 15.99 7.52 -13.50
C PHE A 130 17.17 7.62 -12.53
N VAL A 131 17.45 8.83 -12.06
CA VAL A 131 18.39 9.01 -10.96
CA VAL A 131 18.38 9.02 -10.97
C VAL A 131 17.84 8.31 -9.71
N ARG A 132 18.76 7.80 -8.88
CA ARG A 132 18.39 7.20 -7.60
C ARG A 132 18.92 8.15 -6.52
N ASN A 133 18.07 9.01 -6.02
CA ASN A 133 18.52 10.05 -5.10
C ASN A 133 18.61 9.57 -3.69
N ASP A 134 19.11 10.42 -2.80
CA ASP A 134 19.43 9.93 -1.47
C ASP A 134 18.20 9.66 -0.58
N VAL A 135 17.02 10.19 -0.93
CA VAL A 135 15.78 9.84 -0.21
C VAL A 135 15.03 8.66 -0.85
N GLY A 136 15.47 8.24 -2.04
CA GLY A 136 14.88 7.08 -2.71
C GLY A 136 13.58 7.37 -3.40
N ASP A 137 13.42 8.59 -3.92
CA ASP A 137 12.21 8.92 -4.65
C ASP A 137 12.08 8.00 -5.83
N LEU A 138 10.92 7.37 -5.96
CA LEU A 138 10.66 6.49 -7.09
C LEU A 138 10.54 7.25 -8.42
N PHE A 139 10.05 8.50 -8.34
CA PHE A 139 9.78 9.32 -9.52
C PHE A 139 10.46 10.70 -9.33
N PRO A 140 11.81 10.73 -9.44
CA PRO A 140 12.48 12.02 -9.22
C PRO A 140 12.14 12.98 -10.36
N LYS A 141 11.80 14.21 -10.00
CA LYS A 141 11.38 15.18 -10.98
C LYS A 141 11.99 16.53 -10.65
N ASP A 142 12.31 17.27 -11.71
CA ASP A 142 12.80 18.64 -11.58
C ASP A 142 11.63 19.60 -11.35
N ALA A 143 11.91 20.90 -11.26
CA ALA A 143 10.89 21.89 -10.91
C ALA A 143 9.74 21.97 -11.93
N GLU A 144 10.03 21.57 -13.17
CA GLU A 144 9.05 21.54 -14.28
C GLU A 144 8.16 20.27 -14.29
N GLY A 145 8.46 19.33 -13.39
CA GLY A 145 7.74 18.07 -13.34
C GLY A 145 8.21 17.07 -14.38
N ARG A 146 9.42 17.24 -14.89
CA ARG A 146 10.01 16.30 -15.84
C ARG A 146 10.87 15.30 -15.08
N ALA A 147 10.79 14.02 -15.44
CA ALA A 147 11.62 12.99 -14.78
C ALA A 147 13.12 13.28 -14.88
N MET A 148 13.84 13.03 -13.80
CA MET A 148 15.28 13.25 -13.76
C MET A 148 16.01 11.99 -14.18
N LEU A 149 16.71 12.08 -15.29
CA LEU A 149 17.29 10.92 -15.93
C LEU A 149 18.80 10.82 -15.68
N GLU A 150 19.29 9.59 -15.82
CA GLU A 150 20.68 9.27 -15.55
C GLU A 150 21.30 8.70 -16.83
N LYS A 151 22.61 8.89 -16.95
CA LYS A 151 23.34 8.47 -18.11
CA LYS A 151 23.33 8.47 -18.12
C LYS A 151 23.71 6.99 -18.02
N VAL A 152 22.79 6.11 -18.41
CA VAL A 152 23.07 4.65 -18.41
C VAL A 152 22.65 4.00 -19.74
N PRO A 153 23.61 3.61 -20.56
CA PRO A 153 23.22 2.89 -21.81
C PRO A 153 22.34 1.67 -21.51
N LEU A 154 21.33 1.47 -22.32
CA LEU A 154 20.45 0.34 -22.16
C LEU A 154 21.22 -0.99 -22.23
N ALA A 155 22.25 -1.04 -23.04
CA ALA A 155 23.07 -2.28 -23.15
C ALA A 155 23.78 -2.64 -21.82
N ASP A 156 24.15 -1.64 -21.03
CA ASP A 156 24.83 -1.89 -19.75
C ASP A 156 23.82 -2.53 -18.76
N THR A 157 22.60 -2.00 -18.75
CA THR A 157 21.54 -2.54 -17.97
C THR A 157 21.25 -3.97 -18.40
N TRP A 158 21.13 -4.19 -19.69
CA TRP A 158 20.84 -5.51 -20.23
C TRP A 158 21.91 -6.52 -19.83
N ARG A 159 23.19 -6.15 -19.94
CA ARG A 159 24.25 -7.09 -19.57
C ARG A 159 24.10 -7.53 -18.11
N ALA A 160 23.75 -6.61 -17.23
CA ALA A 160 23.48 -6.90 -15.82
C ALA A 160 22.29 -7.82 -15.62
N MET A 161 21.25 -7.64 -16.42
CA MET A 161 20.11 -8.54 -16.41
C MET A 161 20.53 -9.93 -16.86
N GLU A 162 21.40 -10.01 -17.87
CA GLU A 162 21.89 -11.33 -18.34
C GLU A 162 22.58 -12.11 -17.22
N GLN A 163 23.30 -11.40 -16.37
CA GLN A 163 24.07 -12.06 -15.31
C GLN A 163 23.14 -12.72 -14.29
N LEU A 164 21.92 -12.20 -14.14
CA LEU A 164 20.91 -12.82 -13.27
C LEU A 164 20.52 -14.23 -13.74
N VAL A 165 20.40 -14.42 -15.07
CA VAL A 165 20.08 -15.72 -15.64
C VAL A 165 21.26 -16.65 -15.43
N GLU A 166 22.46 -16.13 -15.68
CA GLU A 166 23.68 -16.94 -15.50
C GLU A 166 23.88 -17.44 -14.04
N GLU A 167 23.55 -16.60 -13.05
CA GLU A 167 23.61 -16.97 -11.65
C GLU A 167 22.48 -17.93 -11.25
N GLY A 168 21.34 -17.88 -11.94
CA GLY A 168 20.21 -18.74 -11.63
C GLY A 168 19.16 -18.06 -10.77
N LEU A 169 19.30 -16.77 -10.54
CA LEU A 169 18.30 -16.01 -9.78
C LEU A 169 16.96 -15.91 -10.50
N VAL A 170 17.03 -15.82 -11.83
CA VAL A 170 15.84 -15.72 -12.67
C VAL A 170 15.96 -16.66 -13.87
N LYS A 171 14.84 -17.19 -14.33
CA LYS A 171 14.85 -18.18 -15.42
C LYS A 171 14.95 -17.45 -16.76
N HIS A 172 14.30 -16.29 -16.85
CA HIS A 172 14.19 -15.52 -18.08
C HIS A 172 14.20 -14.02 -17.75
N ILE A 173 14.64 -13.24 -18.72
CA ILE A 173 14.60 -11.77 -18.61
C ILE A 173 13.86 -11.26 -19.84
N GLY A 174 13.31 -10.07 -19.75
CA GLY A 174 12.62 -9.45 -20.86
C GLY A 174 12.52 -7.96 -20.66
N VAL A 175 11.72 -7.33 -21.50
CA VAL A 175 11.63 -5.89 -21.52
C VAL A 175 10.18 -5.47 -21.48
N SER A 176 9.95 -4.18 -21.16
CA SER A 176 8.64 -3.64 -21.10
C SER A 176 8.72 -2.19 -21.63
N ASN A 177 7.69 -1.78 -22.38
CA ASN A 177 7.64 -0.44 -22.98
C ASN A 177 8.79 -0.20 -23.93
N TYR A 178 9.30 -1.25 -24.57
CA TYR A 178 10.31 -1.09 -25.62
C TYR A 178 9.61 -0.96 -26.97
N THR A 179 10.10 0.00 -27.74
CA THR A 179 9.61 0.23 -29.10
C THR A 179 10.39 -0.64 -30.10
N VAL A 180 9.86 -0.73 -31.31
CA VAL A 180 10.50 -1.48 -32.37
C VAL A 180 12.01 -1.25 -32.55
N PRO A 181 12.47 0.02 -32.68
CA PRO A 181 13.92 0.16 -32.85
C PRO A 181 14.73 -0.20 -31.62
N LEU A 182 14.17 -0.02 -30.42
CA LEU A 182 14.91 -0.46 -29.20
C LEU A 182 15.05 -1.98 -29.22
N LEU A 183 14.00 -2.67 -29.63
CA LEU A 183 14.01 -4.13 -29.69
C LEU A 183 14.99 -4.61 -30.74
N ALA A 184 14.97 -3.95 -31.90
CA ALA A 184 15.88 -4.28 -32.98
C ALA A 184 17.34 -4.15 -32.49
N ASP A 185 17.66 -3.02 -31.84
CA ASP A 185 19.01 -2.82 -31.35
C ASP A 185 19.41 -3.86 -30.28
N LEU A 186 18.52 -4.14 -29.35
CA LEU A 186 18.73 -5.18 -28.31
C LEU A 186 19.05 -6.53 -28.91
N LEU A 187 18.30 -6.90 -29.94
CA LEU A 187 18.52 -8.19 -30.61
C LEU A 187 19.89 -8.28 -31.25
N ASN A 188 20.47 -7.12 -31.59
CA ASN A 188 21.80 -7.07 -32.19
C ASN A 188 22.98 -7.13 -31.23
N TYR A 189 22.74 -7.00 -29.95
CA TYR A 189 23.83 -7.26 -29.00
C TYR A 189 23.50 -8.19 -27.84
N ALA A 190 22.26 -8.62 -27.70
CA ALA A 190 21.90 -9.51 -26.62
C ALA A 190 22.64 -10.86 -26.72
N LYS A 191 23.19 -11.32 -25.61
CA LYS A 191 23.68 -12.70 -25.51
C LYS A 191 22.55 -13.62 -25.08
N ILE A 192 21.68 -13.12 -24.20
CA ILE A 192 20.40 -13.79 -23.87
C ILE A 192 19.25 -12.96 -24.40
N LYS A 193 18.46 -13.52 -25.30
CA LYS A 193 17.40 -12.72 -25.92
CA LYS A 193 17.37 -12.82 -25.96
C LYS A 193 16.25 -12.45 -24.95
N PRO A 194 15.60 -11.28 -25.08
CA PRO A 194 14.44 -11.01 -24.21
C PRO A 194 13.36 -12.00 -24.50
N LEU A 195 12.77 -12.59 -23.46
CA LEU A 195 11.70 -13.58 -23.66
C LEU A 195 10.42 -12.95 -24.20
N VAL A 196 10.06 -11.80 -23.64
CA VAL A 196 8.88 -11.07 -24.00
C VAL A 196 9.12 -9.57 -23.97
N ASN A 197 8.17 -8.85 -24.54
CA ASN A 197 8.02 -7.40 -24.38
C ASN A 197 6.63 -7.19 -23.84
N GLN A 198 6.55 -6.57 -22.65
CA GLN A 198 5.30 -6.28 -21.98
C GLN A 198 4.88 -4.81 -22.32
N ILE A 199 3.74 -4.67 -23.02
CA ILE A 199 3.34 -3.39 -23.59
C ILE A 199 1.82 -3.22 -23.51
N GLU A 200 1.42 -1.95 -23.57
CA GLU A 200 -0.01 -1.53 -23.52
C GLU A 200 -0.77 -2.02 -24.73
N ILE A 201 -1.74 -2.91 -24.50
CA ILE A 201 -2.57 -3.41 -25.58
C ILE A 201 -3.98 -3.63 -25.11
N HIS A 202 -4.94 -3.05 -25.84
CA HIS A 202 -6.36 -3.14 -25.50
C HIS A 202 -7.15 -2.65 -26.71
N PRO A 203 -8.50 -2.70 -26.64
CA PRO A 203 -9.22 -2.26 -27.85
C PRO A 203 -9.05 -0.82 -28.26
N TRP A 204 -8.59 0.05 -27.37
CA TRP A 204 -8.33 1.47 -27.73
C TRP A 204 -6.87 1.71 -28.16
N HIS A 205 -6.05 0.66 -28.09
CA HIS A 205 -4.62 0.77 -28.45
C HIS A 205 -4.13 -0.61 -28.84
N PRO A 206 -4.53 -1.08 -30.03
CA PRO A 206 -4.24 -2.49 -30.36
C PRO A 206 -2.74 -2.79 -30.60
N ASN A 207 -1.99 -1.75 -30.91
CA ASN A 207 -0.53 -1.85 -30.94
C ASN A 207 -0.08 -2.95 -31.95
N ASP A 208 -0.79 -3.08 -33.09
CA ASP A 208 -0.59 -4.21 -34.01
C ASP A 208 0.84 -4.36 -34.56
N ALA A 209 1.42 -3.27 -35.06
CA ALA A 209 2.73 -3.36 -35.71
C ALA A 209 3.79 -3.85 -34.75
N THR A 210 3.74 -3.35 -33.50
CA THR A 210 4.73 -3.70 -32.49
C THR A 210 4.53 -5.15 -32.06
N VAL A 211 3.28 -5.57 -31.82
CA VAL A 211 3.02 -6.99 -31.51
C VAL A 211 3.54 -7.94 -32.58
N LYS A 212 3.21 -7.64 -33.84
CA LYS A 212 3.65 -8.43 -34.96
C LYS A 212 5.17 -8.44 -35.05
N PHE A 213 5.80 -7.29 -34.86
CA PHE A 213 7.25 -7.22 -34.90
C PHE A 213 7.85 -8.15 -33.86
N CYS A 214 7.36 -8.09 -32.62
CA CYS A 214 7.85 -8.98 -31.55
C CYS A 214 7.70 -10.44 -31.98
N LEU A 215 6.49 -10.83 -32.33
CA LEU A 215 6.22 -12.26 -32.59
C LEU A 215 7.03 -12.79 -33.82
N ASP A 216 7.14 -11.96 -34.87
CA ASP A 216 7.90 -12.29 -36.08
C ASP A 216 9.38 -12.48 -35.75
N ASN A 217 9.85 -11.82 -34.70
CA ASN A 217 11.27 -11.89 -34.30
C ASN A 217 11.47 -12.81 -33.10
N GLY A 218 10.45 -13.60 -32.78
CA GLY A 218 10.60 -14.65 -31.77
C GLY A 218 10.61 -14.10 -30.34
N ILE A 219 10.01 -12.92 -30.15
CA ILE A 219 9.87 -12.29 -28.82
C ILE A 219 8.39 -12.38 -28.46
N GLY A 220 8.08 -12.92 -27.29
CA GLY A 220 6.67 -12.95 -26.84
C GLY A 220 6.14 -11.58 -26.48
N VAL A 221 4.84 -11.52 -26.18
CA VAL A 221 4.15 -10.26 -25.89
C VAL A 221 3.25 -10.46 -24.72
N THR A 222 3.27 -9.52 -23.77
CA THR A 222 2.36 -9.53 -22.65
C THR A 222 1.60 -8.22 -22.69
N ALA A 223 0.28 -8.34 -22.77
CA ALA A 223 -0.60 -7.20 -22.87
C ALA A 223 -0.92 -6.64 -21.49
N TYR A 224 -0.40 -5.46 -21.21
CA TYR A 224 -0.80 -4.75 -20.00
C TYR A 224 -1.97 -3.82 -20.26
N SER A 225 -2.61 -3.41 -19.17
CA SER A 225 -3.91 -2.72 -19.19
C SER A 225 -4.85 -3.36 -20.27
N PRO A 226 -5.03 -4.70 -20.25
CA PRO A 226 -5.74 -5.37 -21.37
C PRO A 226 -7.23 -5.03 -21.45
N MET A 227 -7.79 -4.47 -20.37
CA MET A 227 -9.19 -4.01 -20.35
C MET A 227 -9.27 -2.48 -20.37
N GLY A 228 -8.17 -1.81 -20.70
CA GLY A 228 -8.15 -0.36 -20.77
C GLY A 228 -7.72 0.33 -19.50
N GLY A 229 -7.53 -0.42 -18.42
CA GLY A 229 -7.00 0.11 -17.18
C GLY A 229 -7.87 1.07 -16.40
N SER A 230 -7.22 1.68 -15.42
CA SER A 230 -7.76 2.69 -14.53
C SER A 230 -6.83 3.91 -14.61
N TYR A 231 -7.28 4.94 -15.30
CA TYR A 231 -6.43 6.07 -15.65
C TYR A 231 -7.24 7.38 -15.68
N ALA A 232 -6.57 8.50 -15.45
CA ALA A 232 -7.19 9.82 -15.75
C ALA A 232 -7.46 10.07 -17.23
N THR A 240 -9.95 12.21 -10.84
CA THR A 240 -10.45 10.87 -10.58
C THR A 240 -10.01 9.91 -11.74
N GLN A 241 -9.58 8.70 -11.41
CA GLN A 241 -9.29 7.69 -12.44
C GLN A 241 -10.60 7.10 -13.02
N LYS A 242 -10.60 6.79 -14.31
CA LYS A 242 -11.76 6.21 -15.00
C LYS A 242 -11.38 4.88 -15.62
N ASN A 243 -12.41 4.08 -15.89
CA ASN A 243 -12.28 2.81 -16.62
C ASN A 243 -12.96 2.96 -17.95
N VAL A 244 -12.17 3.17 -19.00
CA VAL A 244 -12.69 3.47 -20.33
C VAL A 244 -13.66 2.38 -20.81
N ILE A 245 -13.46 1.14 -20.36
CA ILE A 245 -14.30 0.03 -20.80
C ILE A 245 -15.78 0.20 -20.44
N LEU A 246 -16.07 0.91 -19.35
CA LEU A 246 -17.43 1.09 -18.89
C LEU A 246 -18.28 1.98 -19.80
N GLU A 247 -17.63 2.79 -20.66
CA GLU A 247 -18.33 3.65 -21.61
C GLU A 247 -18.50 2.99 -22.98
N CYS A 248 -17.98 1.76 -23.18
CA CYS A 248 -17.96 1.16 -24.52
C CYS A 248 -19.25 0.40 -24.79
N LYS A 249 -20.03 0.97 -25.69
CA LYS A 249 -21.29 0.35 -26.12
C LYS A 249 -21.07 -0.96 -26.89
N THR A 250 -19.94 -1.07 -27.61
CA THR A 250 -19.67 -2.25 -28.44
C THR A 250 -19.39 -3.46 -27.58
N LEU A 251 -18.43 -3.31 -26.64
CA LEU A 251 -18.12 -4.37 -25.70
C LEU A 251 -19.33 -4.75 -24.84
N LYS A 252 -20.12 -3.77 -24.41
CA LYS A 252 -21.28 -4.04 -23.56
C LYS A 252 -22.36 -4.79 -24.37
N ALA A 253 -22.57 -4.39 -25.63
CA ALA A 253 -23.56 -5.10 -26.47
C ALA A 253 -23.17 -6.58 -26.71
N ILE A 254 -21.91 -6.84 -26.97
CA ILE A 254 -21.45 -8.24 -27.24
C ILE A 254 -21.57 -9.04 -25.94
N ALA A 255 -21.17 -8.44 -24.83
CA ALA A 255 -21.23 -9.07 -23.51
C ALA A 255 -22.66 -9.41 -23.14
N ASP A 256 -23.55 -8.45 -23.31
CA ASP A 256 -24.97 -8.67 -22.96
C ASP A 256 -25.56 -9.84 -23.76
N ALA A 257 -25.30 -9.85 -25.05
CA ALA A 257 -25.83 -10.87 -25.94
C ALA A 257 -25.24 -12.26 -25.64
N LYS A 258 -24.09 -12.31 -24.99
CA LYS A 258 -23.43 -13.58 -24.63
C LYS A 258 -23.46 -13.94 -23.16
N GLY A 259 -24.19 -13.16 -22.35
CA GLY A 259 -24.42 -13.51 -20.97
C GLY A 259 -23.14 -13.36 -20.14
N THR A 260 -22.30 -12.43 -20.54
CA THR A 260 -21.01 -12.21 -19.83
C THR A 260 -20.76 -10.71 -19.56
N SER A 261 -19.52 -10.37 -19.23
CA SER A 261 -19.10 -9.01 -18.91
C SER A 261 -18.30 -8.42 -20.09
N PRO A 262 -18.30 -7.09 -20.24
CA PRO A 262 -17.43 -6.48 -21.22
C PRO A 262 -15.95 -6.81 -20.95
N HIS A 263 -15.64 -7.00 -19.69
CA HIS A 263 -14.24 -7.34 -19.28
C HIS A 263 -13.83 -8.67 -19.91
N CYS A 264 -14.66 -9.69 -19.74
CA CYS A 264 -14.42 -10.98 -20.34
C CYS A 264 -14.39 -10.93 -21.85
N VAL A 265 -15.26 -10.14 -22.47
CA VAL A 265 -15.26 -10.00 -23.93
C VAL A 265 -13.92 -9.40 -24.39
N ALA A 266 -13.47 -8.34 -23.71
CA ALA A 266 -12.13 -7.74 -24.04
C ALA A 266 -11.03 -8.79 -23.94
N LEU A 267 -11.00 -9.53 -22.85
CA LEU A 267 -9.95 -10.56 -22.66
C LEU A 267 -10.03 -11.68 -23.74
N ALA A 268 -11.24 -12.12 -24.05
CA ALA A 268 -11.46 -13.09 -25.12
C ALA A 268 -10.97 -12.61 -26.49
N TRP A 269 -11.15 -11.33 -26.77
CA TRP A 269 -10.69 -10.70 -27.98
C TRP A 269 -9.16 -10.82 -28.10
N HIS A 270 -8.44 -10.51 -27.03
CA HIS A 270 -6.96 -10.62 -27.05
C HIS A 270 -6.56 -12.02 -27.49
N VAL A 271 -7.13 -13.01 -26.82
CA VAL A 271 -6.62 -14.39 -26.96
C VAL A 271 -7.04 -15.06 -28.26
N LYS A 272 -8.16 -14.61 -28.83
CA LYS A 272 -8.55 -15.00 -30.17
C LYS A 272 -7.75 -14.27 -31.26
N LYS A 273 -7.49 -12.97 -31.07
CA LYS A 273 -6.79 -12.18 -32.07
C LYS A 273 -5.37 -12.69 -32.28
N TRP A 274 -4.69 -12.89 -31.16
CA TRP A 274 -3.30 -13.33 -31.18
C TRP A 274 -3.27 -14.75 -30.59
N ASN A 275 -3.54 -15.72 -31.46
CA ASN A 275 -3.73 -17.11 -31.05
C ASN A 275 -2.41 -17.85 -31.00
N THR A 276 -1.58 -17.50 -30.03
CA THR A 276 -0.28 -18.10 -29.87
C THR A 276 0.00 -18.17 -28.39
N SER A 277 0.65 -19.23 -27.96
CA SER A 277 1.06 -19.33 -26.53
C SER A 277 2.09 -18.27 -26.14
N MET A 278 2.67 -17.57 -27.13
CA MET A 278 3.61 -16.49 -26.84
C MET A 278 2.97 -15.16 -26.45
N TYR A 279 1.63 -15.07 -26.49
CA TYR A 279 0.95 -13.84 -26.11
C TYR A 279 0.11 -14.11 -24.88
N SER A 280 0.24 -13.25 -23.87
CA SER A 280 -0.53 -13.36 -22.64
C SER A 280 -1.16 -12.02 -22.25
N VAL A 281 -2.17 -12.10 -21.39
CA VAL A 281 -2.85 -10.92 -20.85
C VAL A 281 -2.75 -10.97 -19.32
N ILE A 282 -2.68 -9.79 -18.71
CA ILE A 282 -2.55 -9.68 -17.25
C ILE A 282 -3.60 -8.79 -16.56
N PRO A 283 -4.90 -9.12 -16.72
CA PRO A 283 -5.95 -8.31 -16.09
C PRO A 283 -5.79 -8.20 -14.58
N LYS A 284 -5.99 -7.01 -14.05
CA LYS A 284 -5.96 -6.74 -12.63
C LYS A 284 -7.33 -6.46 -12.03
N SER A 285 -7.57 -7.05 -10.87
CA SER A 285 -8.63 -6.60 -9.95
C SER A 285 -8.20 -6.88 -8.54
N GLN A 286 -8.57 -5.99 -7.61
CA GLN A 286 -8.37 -6.27 -6.20
C GLN A 286 -9.68 -6.67 -5.52
N THR A 287 -10.69 -6.97 -6.35
CA THR A 287 -12.06 -7.30 -5.88
C THR A 287 -12.29 -8.80 -6.11
N PRO A 288 -12.41 -9.61 -5.05
CA PRO A 288 -12.48 -11.05 -5.26
C PRO A 288 -13.57 -11.51 -6.27
N ALA A 289 -14.77 -10.96 -6.23
CA ALA A 289 -15.79 -11.36 -7.23
C ALA A 289 -15.32 -11.13 -8.67
N ARG A 290 -14.65 -10.01 -8.93
CA ARG A 290 -14.19 -9.69 -10.29
C ARG A 290 -13.00 -10.59 -10.71
N ILE A 291 -12.14 -10.88 -9.74
CA ILE A 291 -11.01 -11.81 -9.98
C ILE A 291 -11.52 -13.14 -10.50
N GLU A 292 -12.53 -13.68 -9.82
CA GLU A 292 -13.15 -14.92 -10.18
C GLU A 292 -13.90 -14.82 -11.52
N ALA A 293 -14.66 -13.75 -11.70
CA ALA A 293 -15.44 -13.58 -12.95
C ALA A 293 -14.54 -13.44 -14.17
N ASN A 294 -13.41 -12.73 -14.04
CA ASN A 294 -12.52 -12.49 -15.18
C ASN A 294 -11.87 -13.79 -15.64
N PHE A 295 -11.70 -14.71 -14.69
CA PHE A 295 -11.07 -16.00 -14.98
C PHE A 295 -11.89 -16.83 -16.00
N LYS A 296 -13.18 -16.56 -16.11
CA LYS A 296 -14.02 -17.26 -17.09
C LYS A 296 -13.95 -16.69 -18.51
N CYS A 297 -13.02 -15.75 -18.78
CA CYS A 297 -12.91 -15.19 -20.13
C CYS A 297 -12.59 -16.21 -21.21
N THR A 298 -11.93 -17.30 -20.82
CA THR A 298 -11.53 -18.33 -21.75
C THR A 298 -12.70 -19.18 -22.26
N GLU A 299 -13.86 -19.08 -21.63
CA GLU A 299 -15.08 -19.79 -22.03
C GLU A 299 -15.91 -19.00 -23.06
N VAL A 300 -15.67 -17.69 -23.18
CA VAL A 300 -16.41 -16.86 -24.13
C VAL A 300 -15.96 -17.20 -25.54
N GLN A 301 -16.93 -17.41 -26.42
CA GLN A 301 -16.64 -17.61 -27.83
C GLN A 301 -17.12 -16.43 -28.64
N LEU A 302 -16.16 -15.73 -29.22
CA LEU A 302 -16.44 -14.59 -30.10
C LEU A 302 -16.53 -15.05 -31.56
N SER A 303 -17.48 -14.47 -32.28
CA SER A 303 -17.62 -14.67 -33.69
C SER A 303 -16.72 -13.75 -34.49
N ASP A 304 -16.60 -14.03 -35.78
CA ASP A 304 -15.85 -13.13 -36.66
C ASP A 304 -16.44 -11.72 -36.65
N ASP A 305 -17.76 -11.60 -36.62
CA ASP A 305 -18.43 -10.31 -36.61
C ASP A 305 -18.10 -9.59 -35.28
N ASP A 306 -18.07 -10.35 -34.18
CA ASP A 306 -17.67 -9.79 -32.86
C ASP A 306 -16.27 -9.21 -32.95
N MET A 307 -15.37 -9.94 -33.59
CA MET A 307 -13.95 -9.51 -33.69
C MET A 307 -13.82 -8.28 -34.57
N ASP A 308 -14.59 -8.22 -35.66
CA ASP A 308 -14.60 -7.06 -36.53
C ASP A 308 -15.08 -5.80 -35.76
N ALA A 309 -16.17 -5.95 -35.01
CA ALA A 309 -16.75 -4.84 -34.25
C ALA A 309 -15.72 -4.32 -33.20
N ILE A 310 -15.09 -5.23 -32.49
CA ILE A 310 -14.11 -4.82 -31.51
C ILE A 310 -12.90 -4.18 -32.19
N ASN A 311 -12.48 -4.74 -33.32
CA ASN A 311 -11.33 -4.22 -34.07
C ASN A 311 -11.62 -2.82 -34.61
N ASN A 312 -12.89 -2.50 -34.82
CA ASN A 312 -13.29 -1.13 -35.22
C ASN A 312 -13.22 -0.07 -34.11
N ILE A 313 -13.17 -0.47 -32.83
CA ILE A 313 -13.26 0.51 -31.71
C ILE A 313 -12.18 1.61 -31.84
N HIS A 314 -10.95 1.19 -32.09
CA HIS A 314 -9.83 2.14 -32.09
C HIS A 314 -9.84 3.08 -33.29
N LEU A 315 -10.56 2.73 -34.34
CA LEU A 315 -10.75 3.66 -35.46
C LEU A 315 -11.57 4.87 -35.02
N ASN A 316 -12.43 4.70 -34.01
CA ASN A 316 -13.27 5.80 -33.48
C ASN A 316 -12.72 6.43 -32.18
N LYS A 317 -11.97 5.64 -31.40
CA LYS A 317 -11.41 6.12 -30.15
C LYS A 317 -10.09 5.40 -29.86
N ARG A 318 -8.98 6.06 -30.16
CA ARG A 318 -7.63 5.49 -29.98
C ARG A 318 -6.91 6.27 -28.88
N ILE A 319 -6.48 5.56 -27.84
CA ILE A 319 -5.89 6.23 -26.70
C ILE A 319 -4.75 5.36 -26.16
N ARG A 320 -3.55 5.95 -26.06
CA ARG A 320 -2.46 5.37 -25.26
C ARG A 320 -2.50 6.02 -23.89
N PHE A 321 -2.85 5.24 -22.87
CA PHE A 321 -3.01 5.75 -21.51
C PHE A 321 -1.66 5.86 -20.79
N CYS A 322 -0.85 4.82 -20.92
CA CYS A 322 0.35 4.72 -20.10
C CYS A 322 1.49 5.36 -20.88
N ASP A 323 1.42 6.68 -20.96
CA ASP A 323 2.25 7.52 -21.85
C ASP A 323 3.11 8.43 -21.00
N PRO A 324 4.42 8.11 -20.94
CA PRO A 324 5.31 8.97 -20.16
C PRO A 324 5.38 10.43 -20.62
N ALA A 325 4.92 10.73 -21.81
CA ALA A 325 4.82 12.15 -22.25
C ALA A 325 3.96 12.94 -21.28
N ILE A 326 2.95 12.26 -20.72
CA ILE A 326 1.97 12.83 -19.81
C ILE A 326 2.56 12.93 -18.43
N PHE A 327 2.90 11.80 -17.83
CA PHE A 327 3.22 11.83 -16.41
C PHE A 327 4.67 12.13 -16.03
N TRP A 328 5.60 11.95 -16.99
CA TRP A 328 7.04 12.24 -16.76
C TRP A 328 7.62 13.31 -17.68
N LYS A 329 6.82 13.79 -18.62
CA LYS A 329 7.27 14.73 -19.65
C LYS A 329 8.48 14.19 -20.46
N VAL A 330 8.45 12.89 -20.73
CA VAL A 330 9.42 12.23 -21.61
C VAL A 330 8.64 11.47 -22.69
N PRO A 331 8.75 11.89 -23.96
CA PRO A 331 7.86 11.39 -25.01
C PRO A 331 8.42 10.12 -25.69
N LEU A 332 8.52 9.08 -24.87
CA LEU A 332 9.07 7.82 -25.31
C LEU A 332 8.43 7.27 -26.60
N PHE A 333 7.13 7.45 -26.76
CA PHE A 333 6.44 6.79 -27.84
C PHE A 333 6.20 7.66 -29.05
N ASP A 334 6.82 8.81 -29.11
CA ASP A 334 6.63 9.68 -30.25
C ASP A 334 7.58 9.46 -31.44
N SER B 21 11.85 19.71 23.76
CA SER B 21 10.94 20.66 23.05
C SER B 21 9.48 20.27 23.33
N MET B 22 9.21 18.97 23.19
CA MET B 22 7.87 18.42 23.38
C MET B 22 7.87 17.40 24.53
N GLN B 23 7.17 17.70 25.61
CA GLN B 23 6.97 16.75 26.69
C GLN B 23 5.95 15.67 26.26
N TYR B 24 4.87 16.11 25.60
CA TYR B 24 3.79 15.22 25.09
C TYR B 24 3.54 15.49 23.61
N PRO B 25 2.91 14.55 22.92
CA PRO B 25 2.67 14.80 21.51
C PRO B 25 1.90 16.11 21.28
N PRO B 26 2.26 16.85 20.23
CA PRO B 26 1.45 18.03 19.90
C PRO B 26 -0.03 17.67 19.80
N ARG B 27 -0.90 18.58 20.23
CA ARG B 27 -2.31 18.24 20.38
C ARG B 27 -3.00 17.84 19.08
N LEU B 28 -2.63 18.48 17.97
CA LEU B 28 -3.23 18.19 16.68
C LEU B 28 -2.25 17.37 15.84
N GLY B 29 -2.54 16.08 15.71
CA GLY B 29 -1.71 15.16 14.95
C GLY B 29 -2.37 14.66 13.72
N PHE B 30 -1.67 13.78 13.01
CA PHE B 30 -2.05 13.34 11.70
C PHE B 30 -1.83 11.85 11.58
N GLY B 31 -2.90 11.13 11.25
CA GLY B 31 -2.87 9.68 11.17
C GLY B 31 -2.59 9.14 9.78
N THR B 32 -2.10 7.90 9.73
CA THR B 32 -1.74 7.26 8.44
C THR B 32 -2.26 5.84 8.24
N TRP B 33 -3.16 5.38 9.10
CA TRP B 33 -3.78 4.08 8.89
C TRP B 33 -4.63 4.07 7.64
N GLN B 34 -4.50 3.02 6.84
CA GLN B 34 -5.26 2.78 5.61
C GLN B 34 -4.89 3.67 4.45
N ALA B 35 -3.86 4.50 4.60
CA ALA B 35 -3.36 5.28 3.49
C ALA B 35 -2.44 4.38 2.69
N PRO B 36 -2.80 4.07 1.44
CA PRO B 36 -1.87 3.27 0.64
C PRO B 36 -0.53 3.97 0.40
N PRO B 37 0.52 3.19 0.13
CA PRO B 37 1.85 3.80 -0.15
C PRO B 37 1.80 4.88 -1.23
N GLU B 38 0.99 4.67 -2.27
CA GLU B 38 0.87 5.62 -3.38
C GLU B 38 0.24 6.97 -3.01
N ALA B 39 -0.51 7.03 -1.91
CA ALA B 39 -1.17 8.28 -1.43
C ALA B 39 -0.48 8.89 -0.23
N VAL B 40 0.21 8.09 0.57
CA VAL B 40 0.59 8.54 1.92
C VAL B 40 1.75 9.52 1.92
N GLN B 41 2.65 9.42 0.95
CA GLN B 41 3.74 10.42 0.86
C GLN B 41 3.17 11.83 0.71
N THR B 42 2.35 12.02 -0.31
CA THR B 42 1.70 13.28 -0.53
C THR B 42 0.87 13.73 0.67
N ALA B 43 0.16 12.80 1.30
CA ALA B 43 -0.60 13.10 2.49
C ALA B 43 0.29 13.66 3.60
N VAL B 44 1.41 13.00 3.87
CA VAL B 44 2.25 13.43 5.01
C VAL B 44 2.89 14.79 4.66
N GLU B 45 3.31 14.94 3.41
CA GLU B 45 3.89 16.21 2.99
C GLU B 45 2.88 17.35 3.12
N THR B 46 1.64 17.13 2.70
CA THR B 46 0.57 18.12 2.85
C THR B 46 0.32 18.51 4.32
N ALA B 47 0.25 17.51 5.20
CA ALA B 47 0.10 17.75 6.62
C ALA B 47 1.25 18.59 7.20
N LEU B 48 2.48 18.20 6.92
CA LEU B 48 3.63 18.94 7.47
C LEU B 48 3.66 20.41 6.92
N MET B 49 3.40 20.57 5.65
CA MET B 49 3.44 21.91 5.07
C MET B 49 2.25 22.76 5.58
N THR B 50 1.12 22.14 5.85
CA THR B 50 -0.04 22.81 6.46
C THR B 50 0.24 23.26 7.89
N GLY B 51 1.05 22.50 8.62
CA GLY B 51 1.35 22.85 10.02
C GLY B 51 1.23 21.77 11.08
N TYR B 52 0.76 20.58 10.72
CA TYR B 52 0.74 19.48 11.69
C TYR B 52 2.19 19.15 12.08
N ARG B 53 2.43 18.88 13.38
CA ARG B 53 3.77 18.57 13.88
C ARG B 53 3.80 17.26 14.67
N HIS B 54 2.81 16.41 14.42
CA HIS B 54 2.63 15.11 15.08
C HIS B 54 2.13 14.15 13.99
N ILE B 55 2.95 13.18 13.66
CA ILE B 55 2.61 12.17 12.62
C ILE B 55 2.58 10.79 13.29
N ASP B 56 1.41 10.15 13.21
CA ASP B 56 1.19 8.82 13.80
C ASP B 56 1.33 7.77 12.71
N CYS B 57 2.28 6.85 12.92
CA CYS B 57 2.62 5.78 12.01
C CYS B 57 2.52 4.42 12.68
N ALA B 58 2.60 3.37 11.87
CA ALA B 58 2.72 2.01 12.39
C ALA B 58 3.27 1.09 11.34
N TYR B 59 4.12 0.17 11.79
CA TYR B 59 4.62 -0.95 11.00
C TYR B 59 3.51 -1.65 10.22
N VAL B 60 2.44 -2.00 10.94
CA VAL B 60 1.34 -2.77 10.33
C VAL B 60 0.54 -2.03 9.26
N TYR B 61 0.69 -0.70 9.19
CA TYR B 61 0.00 0.08 8.18
C TYR B 61 0.61 -0.15 6.78
N GLN B 62 1.79 -0.78 6.72
CA GLN B 62 2.36 -1.30 5.43
C GLN B 62 2.73 -0.16 4.48
N ASN B 63 3.07 0.99 5.08
CA ASN B 63 3.34 2.23 4.34
C ASN B 63 4.46 3.09 4.92
N GLU B 64 5.25 2.57 5.86
CA GLU B 64 6.27 3.37 6.53
C GLU B 64 7.37 3.79 5.58
N GLU B 65 7.68 2.96 4.58
CA GLU B 65 8.75 3.31 3.65
CA GLU B 65 8.74 3.31 3.63
C GLU B 65 8.33 4.54 2.82
N ALA B 66 7.04 4.60 2.44
CA ALA B 66 6.56 5.71 1.66
C ALA B 66 6.54 6.99 2.48
N ILE B 67 6.16 6.84 3.74
CA ILE B 67 6.17 7.96 4.69
C ILE B 67 7.62 8.46 4.85
N GLY B 68 8.57 7.54 4.95
CA GLY B 68 9.99 7.89 5.06
C GLY B 68 10.52 8.80 3.98
N ARG B 69 10.03 8.65 2.74
CA ARG B 69 10.45 9.50 1.62
CA ARG B 69 10.47 9.48 1.63
C ARG B 69 10.04 10.95 1.87
N ALA B 70 8.90 11.15 2.51
CA ALA B 70 8.45 12.49 2.90
C ALA B 70 9.37 13.06 3.97
N PHE B 71 9.61 12.31 5.03
CA PHE B 71 10.47 12.78 6.12
C PHE B 71 11.88 13.04 5.61
N GLY B 72 12.38 12.12 4.77
CA GLY B 72 13.76 12.25 4.26
C GLY B 72 13.95 13.52 3.50
N LYS B 73 12.97 13.80 2.63
CA LYS B 73 12.99 15.01 1.79
C LYS B 73 12.94 16.28 2.66
N ILE B 74 11.99 16.32 3.59
CA ILE B 74 11.76 17.54 4.37
C ILE B 74 12.90 17.84 5.37
N PHE B 75 13.42 16.82 6.03
CA PHE B 75 14.44 17.00 7.05
C PHE B 75 15.87 17.11 6.51
N LYS B 76 16.07 16.88 5.21
CA LYS B 76 17.41 16.87 4.60
C LYS B 76 18.11 18.23 4.65
N ASP B 77 17.31 19.29 4.56
CA ASP B 77 17.85 20.65 4.44
C ASP B 77 16.89 21.60 5.15
N ALA B 78 17.48 22.53 5.90
CA ALA B 78 16.76 23.59 6.60
C ALA B 78 15.87 24.43 5.67
N SER B 79 16.10 24.32 4.36
CA SER B 79 15.38 25.10 3.36
C SER B 79 13.90 24.76 3.29
N SER B 80 13.51 23.59 3.81
CA SER B 80 12.12 23.20 3.91
C SER B 80 11.39 24.01 4.95
N GLY B 81 12.12 24.49 5.95
CA GLY B 81 11.53 25.21 7.07
C GLY B 81 11.04 24.35 8.21
N ILE B 82 11.23 23.03 8.09
CA ILE B 82 10.79 22.07 9.08
C ILE B 82 11.95 21.12 9.41
N LYS B 83 12.44 21.23 10.64
CA LYS B 83 13.52 20.39 11.16
C LYS B 83 12.95 19.14 11.83
N ARG B 84 13.72 18.05 11.80
CA ARG B 84 13.35 16.82 12.52
C ARG B 84 12.87 17.10 13.93
N GLU B 85 13.54 18.01 14.64
CA GLU B 85 13.22 18.26 16.04
C GLU B 85 11.93 19.06 16.24
N ASP B 86 11.40 19.61 15.17
CA ASP B 86 10.09 20.30 15.18
C ASP B 86 8.92 19.28 15.15
N VAL B 87 9.19 18.02 14.79
CA VAL B 87 8.10 17.07 14.53
C VAL B 87 8.14 15.88 15.48
N TRP B 88 6.96 15.49 15.93
CA TRP B 88 6.77 14.34 16.86
C TRP B 88 6.41 13.17 15.97
N ILE B 89 7.24 12.13 15.96
CA ILE B 89 6.95 10.93 15.12
C ILE B 89 6.74 9.74 16.03
N THR B 90 5.56 9.14 15.90
CA THR B 90 5.19 7.94 16.62
C THR B 90 5.16 6.74 15.66
N SER B 91 5.65 5.59 16.10
CA SER B 91 5.31 4.31 15.47
C SER B 91 4.95 3.27 16.52
N LYS B 92 4.73 2.03 16.07
CA LYS B 92 4.12 1.01 16.93
C LYS B 92 4.69 -0.39 16.66
N LEU B 93 4.92 -1.10 17.76
CA LEU B 93 5.35 -2.50 17.74
C LEU B 93 4.15 -3.37 17.41
N TRP B 94 4.27 -4.15 16.34
CA TRP B 94 3.17 -4.99 15.91
C TRP B 94 3.04 -6.24 16.79
N ASN B 95 1.83 -6.78 16.82
CA ASN B 95 1.45 -7.87 17.68
C ASN B 95 2.33 -9.13 17.54
N TYR B 96 2.87 -9.38 16.34
CA TYR B 96 3.70 -10.54 16.18
C TYR B 96 5.15 -10.37 16.61
N ASN B 97 5.48 -9.19 17.13
CA ASN B 97 6.84 -8.88 17.61
C ASN B 97 6.91 -8.66 19.12
N HIS B 98 5.98 -9.28 19.87
CA HIS B 98 6.00 -9.17 21.35
C HIS B 98 7.14 -9.92 22.05
N ARG B 99 7.65 -10.96 21.43
CA ARG B 99 8.81 -11.68 21.96
CA ARG B 99 8.78 -11.66 21.98
C ARG B 99 9.91 -10.64 22.14
N PRO B 100 10.53 -10.59 23.33
CA PRO B 100 11.49 -9.51 23.61
C PRO B 100 12.58 -9.28 22.56
N GLU B 101 13.15 -10.35 22.02
CA GLU B 101 14.23 -10.22 21.05
C GLU B 101 13.81 -9.60 19.72
N LEU B 102 12.51 -9.61 19.44
CA LEU B 102 12.02 -9.02 18.19
C LEU B 102 11.69 -7.53 18.28
N VAL B 103 11.70 -6.98 19.48
CA VAL B 103 11.31 -5.60 19.71
C VAL B 103 12.30 -4.59 19.11
N ARG B 104 13.57 -4.67 19.49
CA ARG B 104 14.57 -3.78 18.92
C ARG B 104 14.70 -3.95 17.40
N GLU B 105 14.61 -5.19 16.93
CA GLU B 105 14.70 -5.49 15.51
C GLU B 105 13.61 -4.76 14.74
N GLN B 106 12.37 -4.83 15.23
CA GLN B 106 11.34 -4.06 14.56
C GLN B 106 11.54 -2.56 14.71
N CYS B 107 11.96 -2.10 15.88
CA CYS B 107 12.17 -0.67 16.08
C CYS B 107 13.12 -0.14 15.03
N LYS B 108 14.24 -0.84 14.85
CA LYS B 108 15.25 -0.42 13.86
C LYS B 108 14.75 -0.47 12.42
N LYS B 109 13.95 -1.47 12.10
CA LYS B 109 13.38 -1.60 10.76
C LYS B 109 12.42 -0.46 10.45
N THR B 110 11.47 -0.25 11.35
CA THR B 110 10.57 0.91 11.31
C THR B 110 11.33 2.22 11.10
N MET B 111 12.40 2.42 11.85
CA MET B 111 13.13 3.68 11.73
C MET B 111 13.87 3.82 10.41
N SER B 112 14.42 2.71 9.91
CA SER B 112 15.03 2.72 8.61
C SER B 112 13.98 3.11 7.52
N ASP B 113 12.83 2.47 7.58
CA ASP B 113 11.74 2.75 6.64
C ASP B 113 11.35 4.23 6.71
N LEU B 114 11.20 4.74 7.92
CA LEU B 114 10.81 6.14 8.10
C LEU B 114 11.93 7.18 7.84
N GLN B 115 13.15 6.73 7.61
CA GLN B 115 14.34 7.59 7.39
C GLN B 115 14.58 8.55 8.55
N VAL B 116 14.44 8.04 9.76
CA VAL B 116 14.74 8.79 10.98
C VAL B 116 15.74 8.00 11.83
N ASP B 117 16.47 8.70 12.70
CA ASP B 117 17.47 8.09 13.58
C ASP B 117 16.94 7.81 14.99
N TYR B 118 15.78 8.40 15.31
CA TYR B 118 15.07 8.16 16.57
C TYR B 118 13.59 8.35 16.33
N LEU B 119 12.79 7.70 17.16
CA LEU B 119 11.34 7.97 17.25
C LEU B 119 11.05 8.80 18.49
N ASP B 120 10.09 9.70 18.41
CA ASP B 120 9.66 10.39 19.62
C ASP B 120 8.90 9.44 20.52
N LEU B 121 8.18 8.52 19.92
CA LEU B 121 7.32 7.59 20.67
C LEU B 121 7.20 6.29 19.95
N PHE B 122 7.33 5.21 20.69
CA PHE B 122 7.11 3.85 20.19
C PHE B 122 6.08 3.16 21.10
N LEU B 123 4.96 2.74 20.52
CA LEU B 123 3.86 2.11 21.30
C LEU B 123 3.76 0.60 21.13
N VAL B 124 3.31 -0.09 22.19
CA VAL B 124 2.84 -1.45 22.07
C VAL B 124 1.46 -1.35 21.40
N HIS B 125 1.33 -1.80 20.16
CA HIS B 125 0.11 -1.53 19.35
C HIS B 125 -1.15 -2.12 19.99
N TRP B 126 -1.05 -3.36 20.46
CA TRP B 126 -2.16 -4.04 21.17
C TRP B 126 -1.56 -4.87 22.29
N PRO B 127 -2.32 -5.10 23.36
CA PRO B 127 -1.89 -6.07 24.37
C PRO B 127 -2.16 -7.51 23.96
N LEU B 128 -1.91 -7.82 22.71
CA LEU B 128 -2.11 -9.15 22.14
C LEU B 128 -0.81 -9.58 21.49
N ALA B 129 -0.33 -10.75 21.86
CA ALA B 129 0.89 -11.32 21.32
C ALA B 129 0.51 -12.33 20.24
N PHE B 130 0.69 -11.99 18.97
CA PHE B 130 0.39 -12.92 17.88
C PHE B 130 1.60 -13.78 17.62
N VAL B 131 1.38 -15.01 17.17
CA VAL B 131 2.50 -15.83 16.67
CA VAL B 131 2.47 -15.85 16.65
C VAL B 131 3.13 -15.18 15.44
N ARG B 132 4.45 -15.34 15.29
CA ARG B 132 5.14 -14.85 14.10
C ARG B 132 5.52 -16.08 13.28
N ASN B 133 4.68 -16.45 12.30
CA ASN B 133 4.91 -17.72 11.59
C ASN B 133 5.98 -17.59 10.50
N ASP B 134 6.32 -18.71 9.86
CA ASP B 134 7.38 -18.73 8.86
C ASP B 134 7.08 -17.96 7.58
N VAL B 135 5.83 -17.58 7.34
CA VAL B 135 5.54 -16.74 6.18
C VAL B 135 5.23 -15.29 6.58
N GLY B 136 5.39 -14.96 7.87
CA GLY B 136 5.23 -13.57 8.32
C GLY B 136 3.82 -13.00 8.15
N ASP B 137 2.81 -13.85 8.33
CA ASP B 137 1.40 -13.41 8.34
C ASP B 137 1.21 -12.37 9.40
N LEU B 138 0.73 -11.20 9.01
CA LEU B 138 0.44 -10.13 9.95
C LEU B 138 -0.71 -10.45 10.88
N PHE B 139 -1.64 -11.28 10.38
CA PHE B 139 -2.89 -11.57 11.06
C PHE B 139 -3.09 -13.09 11.07
N PRO B 140 -2.22 -13.81 11.78
CA PRO B 140 -2.34 -15.29 11.76
C PRO B 140 -3.63 -15.75 12.43
N LYS B 141 -4.41 -16.56 11.71
CA LYS B 141 -5.69 -17.05 12.24
C LYS B 141 -5.79 -18.54 12.08
N ASP B 142 -6.50 -19.15 13.02
CA ASP B 142 -6.74 -20.59 13.01
C ASP B 142 -7.93 -20.91 12.09
N ALA B 143 -8.34 -22.19 12.05
CA ALA B 143 -9.41 -22.63 11.14
C ALA B 143 -10.74 -21.95 11.46
N GLU B 144 -10.91 -21.55 12.72
CA GLU B 144 -12.12 -20.85 13.18
C GLU B 144 -12.09 -19.33 12.97
N GLY B 145 -11.02 -18.80 12.38
CA GLY B 145 -10.93 -17.37 12.14
C GLY B 145 -10.50 -16.56 13.38
N ARG B 146 -10.01 -17.22 14.40
CA ARG B 146 -9.53 -16.55 15.59
C ARG B 146 -8.02 -16.35 15.50
N ALA B 147 -7.55 -15.18 15.89
CA ALA B 147 -6.11 -14.91 15.99
C ALA B 147 -5.37 -15.97 16.80
N MET B 148 -4.19 -16.31 16.28
CA MET B 148 -3.32 -17.28 16.89
C MET B 148 -2.31 -16.53 17.77
N LEU B 149 -2.41 -16.79 19.06
CA LEU B 149 -1.64 -16.07 20.07
C LEU B 149 -0.46 -16.87 20.56
N GLU B 150 0.51 -16.13 21.08
CA GLU B 150 1.76 -16.64 21.57
C GLU B 150 1.86 -16.36 23.09
N LYS B 151 2.57 -17.21 23.80
CA LYS B 151 2.74 -17.07 25.23
C LYS B 151 3.85 -16.08 25.61
N VAL B 152 3.50 -14.80 25.66
CA VAL B 152 4.46 -13.76 26.01
C VAL B 152 3.81 -12.81 27.03
N PRO B 153 4.25 -12.87 28.30
CA PRO B 153 3.81 -11.87 29.27
C PRO B 153 4.00 -10.46 28.79
N LEU B 154 3.02 -9.62 29.06
CA LEU B 154 3.07 -8.21 28.72
C LEU B 154 4.28 -7.50 29.35
N ALA B 155 4.66 -7.92 30.54
CA ALA B 155 5.81 -7.32 31.22
C ALA B 155 7.13 -7.64 30.52
N ASP B 156 7.23 -8.82 29.89
CA ASP B 156 8.41 -9.15 29.12
C ASP B 156 8.58 -8.23 27.91
N THR B 157 7.50 -8.01 27.19
CA THR B 157 7.51 -7.11 26.07
C THR B 157 7.88 -5.70 26.54
N TRP B 158 7.28 -5.27 27.65
CA TRP B 158 7.55 -3.92 28.16
C TRP B 158 9.01 -3.70 28.53
N ARG B 159 9.63 -4.67 29.17
CA ARG B 159 11.05 -4.60 29.52
CA ARG B 159 11.05 -4.59 29.52
C ARG B 159 11.89 -4.37 28.27
N ALA B 160 11.52 -5.05 27.17
CA ALA B 160 12.24 -4.91 25.90
C ALA B 160 12.04 -3.50 25.31
N MET B 161 10.85 -2.94 25.48
CA MET B 161 10.54 -1.55 25.09
C MET B 161 11.39 -0.55 25.91
N GLU B 162 11.51 -0.79 27.20
CA GLU B 162 12.35 0.06 28.07
C GLU B 162 13.80 0.12 27.59
N GLN B 163 14.34 -1.01 27.12
CA GLN B 163 15.72 -1.03 26.58
C GLN B 163 15.91 -0.04 25.42
N LEU B 164 14.85 0.20 24.62
CA LEU B 164 14.94 1.12 23.50
C LEU B 164 15.17 2.55 23.99
N VAL B 165 14.57 2.89 25.13
CA VAL B 165 14.75 4.20 25.71
C VAL B 165 16.15 4.31 26.28
N GLU B 166 16.60 3.25 26.95
CA GLU B 166 17.96 3.29 27.54
C GLU B 166 19.03 3.44 26.47
N GLU B 167 18.84 2.80 25.31
CA GLU B 167 19.77 2.93 24.19
C GLU B 167 19.70 4.30 23.48
N GLY B 168 18.55 4.95 23.53
CA GLY B 168 18.37 6.24 22.85
C GLY B 168 17.73 6.09 21.49
N LEU B 169 17.24 4.90 21.16
CA LEU B 169 16.59 4.70 19.86
C LEU B 169 15.25 5.45 19.81
N VAL B 170 14.56 5.51 20.95
CA VAL B 170 13.32 6.24 21.08
C VAL B 170 13.34 7.10 22.35
N LYS B 171 12.66 8.25 22.30
CA LYS B 171 12.62 9.16 23.44
C LYS B 171 11.66 8.65 24.51
N HIS B 172 10.52 8.14 24.05
CA HIS B 172 9.45 7.68 24.91
C HIS B 172 8.85 6.39 24.39
N ILE B 173 8.29 5.62 25.32
CA ILE B 173 7.47 4.47 24.98
C ILE B 173 6.08 4.59 25.59
N GLY B 174 5.12 3.91 24.98
CA GLY B 174 3.77 3.91 25.46
C GLY B 174 2.99 2.71 25.02
N VAL B 175 1.69 2.78 25.23
CA VAL B 175 0.82 1.65 24.92
C VAL B 175 -0.38 2.10 24.10
N SER B 176 -1.04 1.14 23.49
CA SER B 176 -2.25 1.38 22.72
C SER B 176 -3.24 0.28 22.97
N ASN B 177 -4.52 0.64 23.06
CA ASN B 177 -5.55 -0.38 23.33
C ASN B 177 -5.42 -1.09 24.66
N TYR B 178 -4.79 -0.44 25.63
CA TYR B 178 -4.70 -1.01 26.98
C TYR B 178 -5.90 -0.55 27.79
N THR B 179 -6.48 -1.48 28.55
CA THR B 179 -7.61 -1.21 29.41
C THR B 179 -7.09 -0.79 30.83
N VAL B 180 -8.00 -0.28 31.63
CA VAL B 180 -7.67 0.18 32.99
C VAL B 180 -6.84 -0.80 33.82
N PRO B 181 -7.27 -2.09 33.91
CA PRO B 181 -6.47 -3.03 34.72
C PRO B 181 -5.09 -3.32 34.16
N LEU B 182 -4.96 -3.42 32.84
CA LEU B 182 -3.64 -3.56 32.19
C LEU B 182 -2.74 -2.38 32.49
N LEU B 183 -3.32 -1.17 32.47
CA LEU B 183 -2.60 0.04 32.80
C LEU B 183 -2.17 0.10 34.26
N ALA B 184 -3.06 -0.29 35.19
CA ALA B 184 -2.72 -0.34 36.61
C ALA B 184 -1.54 -1.29 36.81
N ASP B 185 -1.61 -2.47 36.19
CA ASP B 185 -0.55 -3.47 36.37
C ASP B 185 0.79 -2.99 35.78
N LEU B 186 0.72 -2.40 34.60
CA LEU B 186 1.89 -1.77 33.96
C LEU B 186 2.54 -0.69 34.85
N LEU B 187 1.72 0.20 35.42
CA LEU B 187 2.26 1.19 36.38
C LEU B 187 3.00 0.53 37.56
N ASN B 188 2.58 -0.67 37.95
CA ASN B 188 3.18 -1.37 39.04
C ASN B 188 4.47 -2.12 38.71
N TYR B 189 4.66 -2.54 37.45
CA TYR B 189 5.90 -3.26 37.02
C TYR B 189 6.86 -2.33 36.21
N ALA B 190 6.38 -1.21 35.66
CA ALA B 190 7.21 -0.34 34.79
C ALA B 190 8.41 0.29 35.53
N LYS B 191 9.59 0.23 34.92
CA LYS B 191 10.73 1.04 35.34
C LYS B 191 10.72 2.38 34.63
N ILE B 192 10.30 2.37 33.36
CA ILE B 192 10.02 3.59 32.60
C ILE B 192 8.51 3.63 32.34
N LYS B 193 7.86 4.69 32.80
CA LYS B 193 6.41 4.81 32.74
C LYS B 193 5.95 5.00 31.31
N PRO B 194 4.79 4.44 30.92
CA PRO B 194 4.29 4.70 29.58
C PRO B 194 3.87 6.17 29.47
N LEU B 195 4.28 6.83 28.39
CA LEU B 195 4.00 8.24 28.23
C LEU B 195 2.54 8.47 27.93
N VAL B 196 1.99 7.62 27.08
CA VAL B 196 0.59 7.72 26.68
C VAL B 196 -0.04 6.36 26.49
N ASN B 197 -1.38 6.38 26.45
CA ASN B 197 -2.22 5.29 25.97
C ASN B 197 -3.02 5.83 24.78
N GLN B 198 -2.86 5.18 23.64
CA GLN B 198 -3.58 5.55 22.42
C GLN B 198 -4.79 4.65 22.30
N ILE B 199 -5.99 5.24 22.29
CA ILE B 199 -7.23 4.47 22.33
C ILE B 199 -8.31 5.15 21.47
N GLU B 200 -9.34 4.37 21.18
CA GLU B 200 -10.47 4.82 20.37
C GLU B 200 -11.36 5.80 21.13
N ILE B 201 -11.41 7.04 20.66
CA ILE B 201 -12.20 8.06 21.29
C ILE B 201 -12.89 8.94 20.25
N HIS B 202 -14.20 9.05 20.35
CA HIS B 202 -14.97 9.89 19.44
C HIS B 202 -16.39 10.07 19.99
N PRO B 203 -17.26 10.86 19.31
CA PRO B 203 -18.59 11.09 19.92
C PRO B 203 -19.44 9.84 20.15
N TRP B 204 -19.13 8.76 19.45
CA TRP B 204 -19.86 7.50 19.56
C TRP B 204 -19.21 6.57 20.55
N HIS B 205 -18.04 6.96 21.05
CA HIS B 205 -17.25 6.15 21.98
C HIS B 205 -16.37 7.09 22.80
N PRO B 206 -16.97 7.86 23.72
CA PRO B 206 -16.17 8.86 24.40
C PRO B 206 -15.13 8.31 25.38
N ASN B 207 -15.33 7.09 25.87
CA ASN B 207 -14.28 6.36 26.59
C ASN B 207 -13.87 7.12 27.87
N ASP B 208 -14.83 7.79 28.50
CA ASP B 208 -14.54 8.78 29.56
C ASP B 208 -13.76 8.22 30.74
N ALA B 209 -14.24 7.09 31.29
CA ALA B 209 -13.61 6.54 32.48
C ALA B 209 -12.13 6.20 32.20
N THR B 210 -11.81 5.61 31.04
CA THR B 210 -10.44 5.26 30.69
C THR B 210 -9.54 6.48 30.46
N VAL B 211 -10.06 7.47 29.77
CA VAL B 211 -9.34 8.73 29.56
C VAL B 211 -8.97 9.34 30.92
N LYS B 212 -9.97 9.50 31.79
CA LYS B 212 -9.79 10.06 33.13
C LYS B 212 -8.80 9.25 33.95
N PHE B 213 -8.90 7.93 33.92
CA PHE B 213 -7.93 7.09 34.60
C PHE B 213 -6.52 7.37 34.14
N CYS B 214 -6.31 7.41 32.83
CA CYS B 214 -4.97 7.69 32.33
C CYS B 214 -4.46 9.05 32.87
N LEU B 215 -5.23 10.10 32.63
CA LEU B 215 -4.78 11.44 32.96
C LEU B 215 -4.56 11.57 34.47
N ASP B 216 -5.43 10.98 35.27
CA ASP B 216 -5.31 11.03 36.72
C ASP B 216 -4.04 10.34 37.18
N ASN B 217 -3.58 9.34 36.42
CA ASN B 217 -2.36 8.60 36.75
C ASN B 217 -1.12 9.09 36.02
N GLY B 218 -1.20 10.25 35.42
CA GLY B 218 -0.05 10.82 34.74
C GLY B 218 0.36 10.15 33.43
N ILE B 219 -0.61 9.50 32.79
CA ILE B 219 -0.48 8.90 31.46
C ILE B 219 -1.28 9.77 30.45
N GLY B 220 -0.61 10.27 29.40
CA GLY B 220 -1.29 10.98 28.35
C GLY B 220 -2.20 10.07 27.54
N VAL B 221 -3.02 10.70 26.72
CA VAL B 221 -4.04 10.01 25.92
C VAL B 221 -4.00 10.52 24.51
N THR B 222 -4.02 9.61 23.54
CA THR B 222 -4.07 9.99 22.11
C THR B 222 -5.29 9.33 21.56
N ALA B 223 -6.19 10.14 21.00
CA ALA B 223 -7.48 9.71 20.47
C ALA B 223 -7.35 9.27 19.03
N TYR B 224 -7.46 7.97 18.81
CA TYR B 224 -7.56 7.45 17.47
C TYR B 224 -9.01 7.34 17.00
N SER B 225 -9.18 7.26 15.69
CA SER B 225 -10.50 7.42 15.05
C SER B 225 -11.30 8.57 15.65
N PRO B 226 -10.71 9.76 15.72
CA PRO B 226 -11.32 10.86 16.47
C PRO B 226 -12.62 11.38 15.85
N MET B 227 -12.81 11.07 14.57
CA MET B 227 -14.01 11.48 13.83
C MET B 227 -14.90 10.26 13.53
N GLY B 228 -14.63 9.14 14.20
CA GLY B 228 -15.41 7.93 14.06
C GLY B 228 -14.93 6.99 12.96
N GLY B 229 -13.89 7.39 12.25
CA GLY B 229 -13.14 6.50 11.35
C GLY B 229 -13.78 6.09 10.04
N SER B 230 -13.17 5.09 9.42
CA SER B 230 -13.69 4.46 8.22
C SER B 230 -13.73 2.96 8.50
N TYR B 231 -14.94 2.46 8.74
CA TYR B 231 -15.17 1.12 9.25
C TYR B 231 -16.46 0.54 8.71
N ALA B 232 -16.55 -0.79 8.72
CA ALA B 232 -17.84 -1.51 8.71
C ALA B 232 -18.89 -0.91 9.68
N THR B 240 -19.59 -2.55 3.11
CA THR B 240 -18.39 -1.75 2.84
C THR B 240 -18.09 -0.78 3.98
N GLN B 241 -16.92 -0.13 3.93
CA GLN B 241 -16.52 0.85 4.94
C GLN B 241 -17.34 2.13 4.85
N LYS B 242 -17.72 2.67 6.02
CA LYS B 242 -18.54 3.88 6.12
C LYS B 242 -17.92 4.85 7.13
N ASN B 243 -18.20 6.14 6.92
CA ASN B 243 -17.89 7.21 7.86
C ASN B 243 -19.15 7.62 8.64
N VAL B 244 -19.27 7.15 9.88
CA VAL B 244 -20.44 7.42 10.74
C VAL B 244 -20.70 8.91 10.90
N ILE B 245 -19.65 9.71 10.80
CA ILE B 245 -19.79 11.16 11.00
C ILE B 245 -20.70 11.84 9.98
N LEU B 246 -20.79 11.30 8.76
CA LEU B 246 -21.61 11.92 7.71
C LEU B 246 -23.12 11.71 7.90
N GLU B 247 -23.53 10.81 8.78
CA GLU B 247 -24.98 10.58 9.07
C GLU B 247 -25.43 11.27 10.37
N CYS B 248 -24.52 11.94 11.07
CA CYS B 248 -24.85 12.60 12.33
C CYS B 248 -25.51 13.97 12.14
N LYS B 249 -26.81 14.06 12.44
CA LYS B 249 -27.54 15.32 12.32
C LYS B 249 -27.13 16.39 13.37
N THR B 250 -26.53 15.95 14.49
CA THR B 250 -26.07 16.86 15.55
C THR B 250 -24.80 17.61 15.15
N LEU B 251 -23.78 16.89 14.73
CA LEU B 251 -22.55 17.51 14.23
C LEU B 251 -22.83 18.33 12.95
N LYS B 252 -23.77 17.84 12.15
CA LYS B 252 -24.18 18.52 10.96
C LYS B 252 -24.77 19.90 11.32
N ALA B 253 -25.74 19.93 12.24
CA ALA B 253 -26.42 21.19 12.58
C ALA B 253 -25.43 22.21 13.17
N ILE B 254 -24.55 21.74 14.05
CA ILE B 254 -23.53 22.58 14.65
C ILE B 254 -22.53 23.06 13.61
N ALA B 255 -22.06 22.17 12.74
CA ALA B 255 -21.15 22.57 11.67
C ALA B 255 -21.74 23.67 10.80
N ASP B 256 -23.00 23.46 10.40
CA ASP B 256 -23.75 24.41 9.58
C ASP B 256 -23.91 25.76 10.26
N ALA B 257 -24.25 25.75 11.54
CA ALA B 257 -24.40 26.97 12.33
C ALA B 257 -23.10 27.77 12.40
N LYS B 258 -21.98 27.07 12.50
CA LYS B 258 -20.67 27.70 12.68
C LYS B 258 -19.86 27.86 11.40
N GLY B 259 -20.45 27.51 10.26
CA GLY B 259 -19.78 27.65 8.96
C GLY B 259 -18.55 26.78 8.79
N THR B 260 -18.64 25.52 9.23
CA THR B 260 -17.51 24.60 9.19
C THR B 260 -18.01 23.20 8.82
N SER B 261 -17.12 22.21 8.95
CA SER B 261 -17.42 20.81 8.65
C SER B 261 -17.75 20.05 9.95
N PRO B 262 -18.53 18.96 9.85
CA PRO B 262 -18.72 18.13 11.07
C PRO B 262 -17.38 17.64 11.62
N HIS B 263 -16.44 17.43 10.73
CA HIS B 263 -15.09 16.99 11.05
C HIS B 263 -14.37 17.98 11.98
N CYS B 264 -14.34 19.27 11.62
CA CYS B 264 -13.74 20.26 12.51
C CYS B 264 -14.50 20.39 13.83
N VAL B 265 -15.82 20.24 13.83
CA VAL B 265 -16.59 20.29 15.06
C VAL B 265 -16.23 19.11 16.00
N ALA B 266 -16.16 17.92 15.46
CA ALA B 266 -15.77 16.77 16.27
C ALA B 266 -14.35 16.96 16.86
N LEU B 267 -13.41 17.44 16.05
CA LEU B 267 -12.04 17.68 16.53
C LEU B 267 -12.01 18.79 17.59
N ALA B 268 -12.81 19.85 17.39
CA ALA B 268 -12.89 20.94 18.37
C ALA B 268 -13.46 20.45 19.71
N TRP B 269 -14.46 19.57 19.65
CA TRP B 269 -15.04 18.91 20.80
C TRP B 269 -13.99 18.19 21.63
N HIS B 270 -13.11 17.42 20.98
CA HIS B 270 -12.05 16.71 21.71
C HIS B 270 -11.17 17.65 22.51
N VAL B 271 -10.69 18.70 21.83
CA VAL B 271 -9.66 19.54 22.43
C VAL B 271 -10.25 20.50 23.47
N LYS B 272 -11.56 20.78 23.42
CA LYS B 272 -12.24 21.54 24.50
C LYS B 272 -12.61 20.68 25.70
N LYS B 273 -13.11 19.47 25.40
CA LYS B 273 -13.50 18.51 26.44
C LYS B 273 -12.34 18.16 27.36
N TRP B 274 -11.21 17.80 26.76
CA TRP B 274 -10.01 17.38 27.49
C TRP B 274 -8.95 18.43 27.23
N ASN B 275 -9.03 19.52 27.98
CA ASN B 275 -8.19 20.69 27.71
C ASN B 275 -6.89 20.59 28.50
N THR B 276 -6.00 19.76 27.99
CA THR B 276 -4.72 19.50 28.61
C THR B 276 -3.74 19.20 27.50
N SER B 277 -2.49 19.61 27.69
CA SER B 277 -1.42 19.27 26.77
C SER B 277 -1.19 17.76 26.66
N MET B 278 -1.68 16.99 27.64
CA MET B 278 -1.53 15.52 27.68
C MET B 278 -2.48 14.75 26.73
N TYR B 279 -3.42 15.44 26.12
CA TYR B 279 -4.44 14.83 25.26
C TYR B 279 -4.24 15.32 23.82
N SER B 280 -4.12 14.37 22.88
CA SER B 280 -3.99 14.70 21.44
C SER B 280 -4.94 13.90 20.60
N VAL B 281 -5.17 14.38 19.37
CA VAL B 281 -6.02 13.71 18.35
C VAL B 281 -5.21 13.46 17.10
N ILE B 282 -5.47 12.35 16.41
CA ILE B 282 -4.74 12.04 15.19
C ILE B 282 -5.64 11.77 13.96
N PRO B 283 -6.40 12.79 13.53
CA PRO B 283 -7.28 12.62 12.39
C PRO B 283 -6.47 12.25 11.15
N LYS B 284 -7.00 11.31 10.41
CA LYS B 284 -6.35 10.86 9.17
C LYS B 284 -7.16 11.32 7.97
N SER B 285 -6.44 11.80 6.95
CA SER B 285 -6.98 11.92 5.62
C SER B 285 -5.84 11.66 4.65
N GLN B 286 -6.14 11.02 3.53
CA GLN B 286 -5.16 10.96 2.45
C GLN B 286 -5.48 11.98 1.34
N THR B 287 -6.45 12.84 1.60
CA THR B 287 -6.98 13.81 0.63
C THR B 287 -6.50 15.22 0.97
N PRO B 288 -5.60 15.79 0.14
CA PRO B 288 -4.99 17.08 0.49
C PRO B 288 -5.95 18.17 0.97
N ALA B 289 -7.09 18.36 0.29
CA ALA B 289 -8.03 19.40 0.74
C ALA B 289 -8.59 19.18 2.17
N ARG B 290 -8.82 17.91 2.52
CA ARG B 290 -9.38 17.58 3.83
C ARG B 290 -8.34 17.67 4.93
N ILE B 291 -7.10 17.33 4.58
CA ILE B 291 -5.96 17.50 5.49
C ILE B 291 -5.82 18.96 5.87
N GLU B 292 -5.87 19.86 4.89
CA GLU B 292 -5.78 21.31 5.16
C GLU B 292 -7.00 21.85 5.94
N ALA B 293 -8.20 21.43 5.54
CA ALA B 293 -9.43 21.84 6.23
C ALA B 293 -9.51 21.40 7.70
N ASN B 294 -9.10 20.16 8.00
CA ASN B 294 -9.12 19.67 9.38
C ASN B 294 -8.21 20.46 10.30
N PHE B 295 -7.11 20.95 9.75
CA PHE B 295 -6.14 21.70 10.54
C PHE B 295 -6.70 23.01 11.10
N LYS B 296 -7.78 23.52 10.51
CA LYS B 296 -8.45 24.72 11.03
C LYS B 296 -9.46 24.46 12.15
N CYS B 297 -9.52 23.23 12.68
CA CYS B 297 -10.43 22.90 13.78
C CYS B 297 -10.19 23.74 15.05
N THR B 298 -8.95 24.24 15.18
CA THR B 298 -8.52 25.06 16.29
C THR B 298 -9.16 26.45 16.30
N GLU B 299 -9.65 26.90 15.13
CA GLU B 299 -10.37 28.17 15.00
C GLU B 299 -11.85 28.03 15.37
N VAL B 300 -12.36 26.80 15.56
CA VAL B 300 -13.78 26.57 15.83
C VAL B 300 -14.08 26.78 17.32
N GLN B 301 -15.06 27.63 17.62
CA GLN B 301 -15.35 28.04 18.98
C GLN B 301 -16.68 27.41 19.38
N LEU B 302 -16.63 26.34 20.15
CA LEU B 302 -17.85 25.65 20.57
C LEU B 302 -18.39 26.25 21.84
N SER B 303 -19.71 26.28 21.94
CA SER B 303 -20.36 26.75 23.14
C SER B 303 -20.61 25.61 24.12
N ASP B 304 -21.02 25.97 25.33
CA ASP B 304 -21.34 25.00 26.34
C ASP B 304 -22.52 24.12 25.92
N ASP B 305 -23.49 24.68 25.19
CA ASP B 305 -24.62 23.86 24.71
C ASP B 305 -24.24 22.98 23.52
N ASP B 306 -23.28 23.43 22.73
CA ASP B 306 -22.73 22.60 21.67
C ASP B 306 -22.11 21.35 22.32
N MET B 307 -21.38 21.55 23.41
CA MET B 307 -20.71 20.47 24.11
C MET B 307 -21.73 19.48 24.67
N ASP B 308 -22.77 19.97 25.30
CA ASP B 308 -23.84 19.09 25.80
C ASP B 308 -24.47 18.27 24.66
N ALA B 309 -24.72 18.89 23.51
CA ALA B 309 -25.36 18.20 22.36
C ALA B 309 -24.47 17.04 21.86
N ILE B 310 -23.18 17.32 21.74
CA ILE B 310 -22.21 16.33 21.25
C ILE B 310 -22.03 15.24 22.31
N ASN B 311 -21.97 15.65 23.57
CA ASN B 311 -21.82 14.72 24.66
C ASN B 311 -23.03 13.76 24.76
N ASN B 312 -24.20 14.15 24.26
CA ASN B 312 -25.38 13.28 24.27
C ASN B 312 -25.46 12.24 23.13
N ILE B 313 -24.61 12.37 22.11
CA ILE B 313 -24.67 11.48 20.94
C ILE B 313 -24.55 10.01 21.32
N HIS B 314 -23.60 9.69 22.20
CA HIS B 314 -23.34 8.29 22.57
C HIS B 314 -24.46 7.66 23.40
N LEU B 315 -25.29 8.50 24.01
CA LEU B 315 -26.46 8.01 24.73
C LEU B 315 -27.46 7.40 23.75
N ASN B 316 -27.51 7.91 22.52
CA ASN B 316 -28.43 7.37 21.51
C ASN B 316 -27.77 6.41 20.50
N LYS B 317 -26.45 6.51 20.32
CA LYS B 317 -25.71 5.63 19.40
C LYS B 317 -24.27 5.47 19.91
N ARG B 318 -23.98 4.37 20.61
CA ARG B 318 -22.65 4.09 21.14
C ARG B 318 -22.05 2.92 20.35
N ILE B 319 -20.86 3.13 19.77
CA ILE B 319 -20.25 2.11 18.93
C ILE B 319 -18.75 2.11 19.14
N ARG B 320 -18.21 0.97 19.51
CA ARG B 320 -16.75 0.79 19.42
C ARG B 320 -16.45 0.10 18.11
N PHE B 321 -15.77 0.81 17.22
CA PHE B 321 -15.50 0.29 15.89
C PHE B 321 -14.29 -0.66 15.88
N CYS B 322 -13.27 -0.34 16.65
CA CYS B 322 -12.01 -1.03 16.54
C CYS B 322 -12.01 -2.07 17.66
N ASP B 323 -12.80 -3.12 17.45
CA ASP B 323 -13.04 -4.15 18.44
C ASP B 323 -12.53 -5.51 17.95
N PRO B 324 -11.43 -6.02 18.55
CA PRO B 324 -10.93 -7.31 18.16
C PRO B 324 -11.85 -8.47 18.40
N ALA B 325 -12.91 -8.29 19.18
CA ALA B 325 -13.93 -9.33 19.29
C ALA B 325 -14.50 -9.65 17.88
N ILE B 326 -14.60 -8.64 17.02
CA ILE B 326 -15.18 -8.81 15.69
C ILE B 326 -14.13 -9.47 14.80
N PHE B 327 -13.04 -8.75 14.57
CA PHE B 327 -12.13 -9.19 13.51
C PHE B 327 -11.09 -10.24 13.88
N TRP B 328 -10.76 -10.36 15.17
CA TRP B 328 -9.87 -11.44 15.65
C TRP B 328 -10.49 -12.50 16.55
N LYS B 329 -11.78 -12.37 16.88
CA LYS B 329 -12.41 -13.26 17.83
C LYS B 329 -11.72 -13.33 19.19
N VAL B 330 -11.21 -12.17 19.63
CA VAL B 330 -10.61 -12.02 20.96
C VAL B 330 -11.29 -10.84 21.66
N PRO B 331 -12.10 -11.11 22.69
CA PRO B 331 -12.92 -10.04 23.31
C PRO B 331 -12.17 -9.19 24.33
N LEU B 332 -11.18 -8.45 23.85
CA LEU B 332 -10.31 -7.67 24.69
C LEU B 332 -11.03 -6.64 25.57
N PHE B 333 -12.11 -6.04 25.06
CA PHE B 333 -12.78 -4.94 25.73
C PHE B 333 -13.99 -5.34 26.60
N ASP B 334 -14.17 -6.62 26.80
CA ASP B 334 -15.33 -7.08 27.54
C ASP B 334 -15.04 -7.32 29.00
#